data_2IM9
#
_entry.id   2IM9
#
_cell.length_a   48.892
_cell.length_b   71.052
_cell.length_c   83.904
_cell.angle_alpha   90.00
_cell.angle_beta   90.00
_cell.angle_gamma   90.00
#
_symmetry.space_group_name_H-M   'P 21 21 21'
#
loop_
_entity.id
_entity.type
_entity.pdbx_description
1 polymer 'Hypothetical protein'
2 water water
#
_entity_poly.entity_id   1
_entity_poly.type   'polypeptide(L)'
_entity_poly.pdbx_seq_one_letter_code
;SLSQTTNIKEQTDTGLAPPAPAITTNSAAIEEQANSSIRKLYHTLNTMPNTSMADRISQISAYFKGTKYILGSLGEGPNA
RYDQFPRYRVDGFDCDTYVNTVLSLALANSLESFQECLKHTRYKNGKRSYINRNHFTSIDWNNYNQKRGLLKDITFSIRN
EKKQPVALYANALINKPQWYNHKTIDTIRLQKQDKNEQEKRLVELKAKGKTLETSLSNVPYIPFTALFSENKPNLHLFSQ
IPNGAVIEIIRPNWDLRQQIGTELDISHLGFAIWINNELFFRQASSQYGKVVDVSLIDYLDKARSSPTIKGINIQVVLPE
KPVSNGCQLFDIR
;
_entity_poly.pdbx_strand_id   A
#
# COMPACT_ATOMS: atom_id res chain seq x y z
N ASN A 26 -2.46 -15.30 17.54
CA ASN A 26 -2.69 -16.65 16.95
C ASN A 26 -2.99 -16.48 15.49
N SER A 27 -1.91 -16.46 14.73
CA SER A 27 -1.99 -16.22 13.29
C SER A 27 -2.83 -17.21 12.53
N ALA A 28 -2.72 -18.51 12.86
CA ALA A 28 -3.54 -19.49 12.17
C ALA A 28 -5.03 -19.22 12.39
N ALA A 29 -5.40 -18.87 13.62
CA ALA A 29 -6.82 -18.60 13.94
C ALA A 29 -7.34 -17.37 13.22
N ILE A 30 -6.50 -16.34 13.16
CA ILE A 30 -6.84 -15.11 12.46
C ILE A 30 -7.09 -15.39 10.97
N GLU A 31 -6.20 -16.17 10.36
CA GLU A 31 -6.38 -16.55 8.96
C GLU A 31 -7.64 -17.38 8.74
N GLU A 32 -7.96 -18.24 9.70
CA GLU A 32 -9.15 -19.10 9.60
C GLU A 32 -10.41 -18.27 9.59
N GLN A 33 -10.43 -17.24 10.46
CA GLN A 33 -11.55 -16.29 10.48
C GLN A 33 -11.68 -15.59 9.13
N ALA A 34 -10.54 -15.17 8.59
CA ALA A 34 -10.53 -14.51 7.27
C ALA A 34 -11.02 -15.43 6.16
N ASN A 35 -10.61 -16.70 6.20
CA ASN A 35 -11.09 -17.68 5.20
C ASN A 35 -12.62 -17.74 5.18
N SER A 36 -13.23 -17.78 6.37
CA SER A 36 -14.68 -17.84 6.47
C SER A 36 -15.33 -16.57 5.91
N SER A 37 -14.82 -15.40 6.31
CA SER A 37 -15.36 -14.11 5.87
CA SER A 37 -15.36 -14.11 5.87
C SER A 37 -15.21 -13.85 4.37
N ILE A 38 -14.05 -14.21 3.83
CA ILE A 38 -13.75 -14.03 2.41
C ILE A 38 -14.58 -14.98 1.53
N ARG A 39 -14.68 -16.25 1.94
CA ARG A 39 -15.54 -17.20 1.25
C ARG A 39 -16.94 -16.61 1.11
N LYS A 40 -17.48 -16.09 2.22
CA LYS A 40 -18.82 -15.50 2.24
C LYS A 40 -18.91 -14.25 1.38
N LEU A 41 -17.89 -13.41 1.44
CA LEU A 41 -17.87 -12.20 0.61
C LEU A 41 -18.08 -12.56 -0.85
N TYR A 42 -17.33 -13.55 -1.34
CA TYR A 42 -17.43 -13.95 -2.76
C TYR A 42 -18.77 -14.53 -3.14
N HIS A 43 -19.37 -15.28 -2.24
CA HIS A 43 -20.73 -15.78 -2.46
C HIS A 43 -21.66 -14.61 -2.76
N THR A 44 -21.55 -13.53 -1.99
CA THR A 44 -22.33 -12.32 -2.25
C THR A 44 -21.93 -11.67 -3.57
N LEU A 45 -20.63 -11.47 -3.77
CA LEU A 45 -20.13 -10.78 -4.95
C LEU A 45 -20.46 -11.52 -6.24
N ASN A 46 -20.28 -12.83 -6.23
CA ASN A 46 -20.43 -13.63 -7.46
C ASN A 46 -21.89 -13.79 -7.92
N THR A 47 -22.83 -13.38 -7.09
CA THR A 47 -24.23 -13.36 -7.50
C THR A 47 -24.53 -12.04 -8.19
N THR A 51 -19.84 -6.06 -12.50
CA THR A 51 -19.61 -4.63 -12.31
C THR A 51 -18.15 -4.30 -12.62
N SER A 52 -17.89 -3.02 -12.90
CA SER A 52 -16.56 -2.53 -13.24
C SER A 52 -15.55 -2.77 -12.11
N MET A 53 -14.27 -2.77 -12.45
CA MET A 53 -13.23 -2.99 -11.45
C MET A 53 -13.22 -1.85 -10.44
N ALA A 54 -13.44 -0.61 -10.90
CA ALA A 54 -13.51 0.52 -9.98
C ALA A 54 -14.65 0.38 -8.97
N ASP A 55 -15.80 -0.13 -9.43
CA ASP A 55 -16.94 -0.36 -8.55
C ASP A 55 -16.68 -1.52 -7.59
N ARG A 56 -15.98 -2.54 -8.04
CA ARG A 56 -15.54 -3.63 -7.13
C ARG A 56 -14.64 -3.08 -6.01
N ILE A 57 -13.66 -2.29 -6.40
CA ILE A 57 -12.75 -1.66 -5.43
C ILE A 57 -13.54 -0.81 -4.46
N SER A 58 -14.51 -0.04 -4.97
CA SER A 58 -15.31 0.81 -4.08
CA SER A 58 -15.34 0.80 -4.10
C SER A 58 -16.12 -0.02 -3.09
N GLN A 59 -16.80 -1.06 -3.59
CA GLN A 59 -17.62 -1.91 -2.74
C GLN A 59 -16.82 -2.66 -1.70
N ILE A 60 -15.71 -3.26 -2.12
CA ILE A 60 -14.87 -4.03 -1.19
C ILE A 60 -14.16 -3.14 -0.16
N SER A 61 -13.61 -2.02 -0.63
CA SER A 61 -13.00 -1.09 0.30
C SER A 61 -14.03 -0.58 1.34
N ALA A 62 -15.27 -0.32 0.90
CA ALA A 62 -16.34 0.13 1.79
C ALA A 62 -16.70 -0.93 2.84
N TYR A 63 -16.66 -2.19 2.44
CA TYR A 63 -17.05 -3.31 3.32
C TYR A 63 -16.19 -3.33 4.59
N PHE A 64 -14.95 -2.86 4.47
CA PHE A 64 -14.02 -2.86 5.61
C PHE A 64 -13.94 -1.54 6.37
N LYS A 65 -14.75 -0.54 5.99
CA LYS A 65 -14.76 0.71 6.77
C LYS A 65 -15.07 0.41 8.24
N GLY A 66 -14.36 1.10 9.13
CA GLY A 66 -14.53 0.92 10.57
C GLY A 66 -13.69 -0.16 11.21
N THR A 67 -13.02 -0.97 10.39
CA THR A 67 -12.06 -1.98 10.89
C THR A 67 -10.85 -1.30 11.50
N LYS A 68 -10.38 -1.83 12.64
CA LYS A 68 -9.36 -1.14 13.41
C LYS A 68 -8.01 -1.11 12.70
N TYR A 69 -7.22 -0.12 13.07
CA TYR A 69 -5.86 0.01 12.58
C TYR A 69 -4.95 -0.88 13.39
N ILE A 70 -4.14 -1.68 12.70
CA ILE A 70 -3.05 -2.42 13.35
C ILE A 70 -1.76 -2.15 12.58
N LEU A 71 -0.79 -1.52 13.23
CA LEU A 71 0.49 -1.26 12.58
C LEU A 71 1.17 -2.58 12.21
N GLY A 72 1.60 -2.71 10.96
CA GLY A 72 2.31 -3.94 10.52
C GLY A 72 1.38 -5.16 10.64
N SER A 73 0.22 -5.07 10.01
CA SER A 73 -0.86 -6.05 10.20
C SER A 73 -0.52 -7.47 9.76
N LEU A 74 0.33 -7.59 8.74
CA LEU A 74 0.60 -8.89 8.10
C LEU A 74 2.06 -9.28 8.17
N GLY A 75 2.30 -10.59 8.14
CA GLY A 75 3.64 -11.12 8.04
C GLY A 75 3.70 -12.25 7.02
N GLU A 76 4.57 -13.23 7.26
CA GLU A 76 4.73 -14.36 6.36
C GLU A 76 3.93 -15.58 6.81
N GLY A 77 3.22 -15.46 7.92
CA GLY A 77 2.28 -16.49 8.36
C GLY A 77 2.78 -17.38 9.47
N PRO A 78 1.95 -18.35 9.88
CA PRO A 78 2.35 -19.28 10.92
C PRO A 78 3.65 -19.97 10.50
N ASN A 79 4.51 -20.25 11.47
CA ASN A 79 5.75 -20.96 11.23
C ASN A 79 6.77 -20.18 10.39
N ALA A 80 6.51 -18.90 10.13
CA ALA A 80 7.45 -18.13 9.32
C ALA A 80 8.79 -17.92 10.05
N ARG A 81 9.86 -17.72 9.29
CA ARG A 81 11.19 -17.65 9.92
C ARG A 81 11.36 -16.33 10.68
N TYR A 82 10.91 -15.22 10.09
CA TYR A 82 11.18 -13.89 10.69
C TYR A 82 9.95 -13.17 11.21
N ASP A 83 8.82 -13.31 10.53
CA ASP A 83 7.63 -12.56 10.89
C ASP A 83 6.39 -13.44 10.78
N GLN A 84 5.90 -13.89 11.93
CA GLN A 84 4.82 -14.90 12.00
C GLN A 84 3.44 -14.28 12.17
N PHE A 85 3.31 -12.99 11.86
CA PHE A 85 1.99 -12.39 11.73
C PHE A 85 1.26 -13.02 10.52
N PRO A 86 -0.08 -12.93 10.51
CA PRO A 86 -0.87 -13.65 9.51
C PRO A 86 -0.58 -13.16 8.09
N ARG A 87 -0.81 -14.04 7.12
CA ARG A 87 -0.65 -13.69 5.72
C ARG A 87 -1.74 -12.77 5.17
N TYR A 88 -2.91 -12.87 5.78
CA TYR A 88 -4.06 -11.99 5.50
C TYR A 88 -5.02 -12.05 6.70
N ARG A 89 -5.86 -11.02 6.83
CA ARG A 89 -6.78 -10.94 7.95
C ARG A 89 -7.88 -9.95 7.64
N VAL A 90 -8.98 -10.04 8.40
CA VAL A 90 -10.10 -9.10 8.20
C VAL A 90 -10.42 -8.29 9.45
N ASP A 91 -9.62 -8.45 10.48
CA ASP A 91 -9.88 -7.83 11.79
C ASP A 91 -9.04 -6.55 12.04
N GLY A 92 -8.16 -6.22 11.11
CA GLY A 92 -7.28 -5.06 11.29
C GLY A 92 -6.47 -4.83 10.04
N PHE A 93 -6.07 -3.57 9.81
CA PHE A 93 -5.27 -3.17 8.65
C PHE A 93 -4.29 -2.07 9.00
N ASP A 94 -3.18 -1.99 8.25
CA ASP A 94 -2.43 -0.74 8.19
C ASP A 94 -2.63 -0.15 6.79
N CYS A 95 -1.99 0.98 6.47
CA CYS A 95 -2.33 1.60 5.19
C CYS A 95 -1.98 0.70 4.02
N ASP A 96 -0.85 0.00 4.12
CA ASP A 96 -0.35 -0.87 3.05
C ASP A 96 -1.17 -2.13 2.93
N THR A 97 -1.44 -2.79 4.06
CA THR A 97 -2.20 -4.04 4.02
C THR A 97 -3.66 -3.83 3.60
N TYR A 98 -4.23 -2.67 3.91
CA TYR A 98 -5.57 -2.35 3.45
C TYR A 98 -5.61 -2.32 1.92
N VAL A 99 -4.70 -1.57 1.32
CA VAL A 99 -4.71 -1.45 -0.14
C VAL A 99 -4.45 -2.81 -0.79
N ASN A 100 -3.46 -3.54 -0.27
CA ASN A 100 -3.13 -4.87 -0.81
C ASN A 100 -4.31 -5.84 -0.71
N THR A 101 -4.98 -5.83 0.43
CA THR A 101 -6.09 -6.75 0.64
C THR A 101 -7.26 -6.40 -0.27
N VAL A 102 -7.62 -5.11 -0.32
CA VAL A 102 -8.73 -4.69 -1.18
C VAL A 102 -8.46 -5.01 -2.66
N LEU A 103 -7.28 -4.64 -3.15
CA LEU A 103 -6.93 -4.90 -4.55
C LEU A 103 -6.99 -6.39 -4.88
N SER A 104 -6.42 -7.21 -4.01
CA SER A 104 -6.38 -8.67 -4.25
C SER A 104 -7.79 -9.28 -4.22
N LEU A 105 -8.66 -8.81 -3.32
CA LEU A 105 -10.06 -9.25 -3.31
C LEU A 105 -10.76 -8.81 -4.61
N ALA A 106 -10.50 -7.58 -5.04
CA ALA A 106 -11.18 -7.04 -6.22
C ALA A 106 -10.76 -7.77 -7.48
N LEU A 107 -9.51 -8.21 -7.52
CA LEU A 107 -8.96 -8.88 -8.69
C LEU A 107 -9.37 -10.34 -8.83
N ALA A 108 -9.84 -10.93 -7.73
CA ALA A 108 -10.11 -12.36 -7.65
C ALA A 108 -11.59 -12.64 -7.59
N ASN A 109 -11.97 -13.91 -7.72
CA ASN A 109 -13.37 -14.36 -7.67
CA ASN A 109 -13.38 -14.32 -7.64
C ASN A 109 -13.65 -15.41 -6.61
N SER A 110 -12.65 -15.71 -5.78
CA SER A 110 -12.75 -16.81 -4.83
C SER A 110 -11.69 -16.66 -3.76
N LEU A 111 -11.87 -17.33 -2.63
CA LEU A 111 -10.84 -17.33 -1.59
C LEU A 111 -9.49 -17.81 -2.15
N GLU A 112 -9.54 -18.86 -2.97
CA GLU A 112 -8.31 -19.46 -3.53
C GLU A 112 -7.56 -18.49 -4.46
N SER A 113 -8.31 -17.80 -5.33
CA SER A 113 -7.66 -16.87 -6.27
C SER A 113 -7.23 -15.62 -5.50
N PHE A 114 -7.97 -15.23 -4.46
CA PHE A 114 -7.54 -14.10 -3.61
C PHE A 114 -6.18 -14.39 -2.97
N GLN A 115 -6.03 -15.59 -2.43
CA GLN A 115 -4.77 -15.99 -1.81
C GLN A 115 -3.62 -15.84 -2.80
N GLU A 116 -3.84 -16.29 -4.03
CA GLU A 116 -2.82 -16.25 -5.06
C GLU A 116 -2.50 -14.80 -5.47
N CYS A 117 -3.55 -14.01 -5.66
CA CYS A 117 -3.40 -12.61 -6.03
CA CYS A 117 -3.35 -12.64 -6.04
C CYS A 117 -2.66 -11.84 -4.95
N LEU A 118 -3.02 -12.11 -3.70
CA LEU A 118 -2.38 -11.40 -2.58
C LEU A 118 -0.91 -11.77 -2.51
N LYS A 119 -0.61 -13.05 -2.64
CA LYS A 119 0.80 -13.50 -2.62
C LYS A 119 1.60 -12.76 -3.70
N HIS A 120 1.05 -12.66 -4.92
CA HIS A 120 1.76 -12.00 -6.00
C HIS A 120 1.78 -10.47 -5.93
N THR A 121 0.93 -9.87 -5.10
CA THR A 121 0.93 -8.42 -4.93
C THR A 121 1.88 -8.01 -3.79
N ARG A 122 1.94 -8.86 -2.76
CA ARG A 122 2.72 -8.57 -1.55
C ARG A 122 4.19 -8.89 -1.68
N TYR A 123 4.51 -9.87 -2.54
CA TYR A 123 5.87 -10.39 -2.69
C TYR A 123 6.33 -10.35 -4.13
N LYS A 124 7.59 -10.03 -4.32
CA LYS A 124 8.22 -10.12 -5.65
C LYS A 124 8.08 -11.53 -6.22
N ASN A 125 7.47 -11.62 -7.42
CA ASN A 125 7.17 -12.90 -8.10
C ASN A 125 6.38 -13.92 -7.30
N GLY A 126 5.65 -13.43 -6.28
CA GLY A 126 4.84 -14.31 -5.43
C GLY A 126 5.63 -15.31 -4.61
N LYS A 127 6.92 -15.06 -4.44
CA LYS A 127 7.77 -15.97 -3.66
C LYS A 127 7.84 -15.46 -2.22
N ARG A 128 7.19 -16.18 -1.32
CA ARG A 128 7.01 -15.72 0.07
C ARG A 128 8.28 -15.76 0.90
N SER A 129 8.75 -14.57 1.30
CA SER A 129 9.88 -14.46 2.22
C SER A 129 9.94 -13.02 2.70
N TYR A 130 10.56 -12.82 3.88
CA TYR A 130 10.74 -11.46 4.38
C TYR A 130 11.43 -10.56 3.33
N ILE A 131 12.53 -11.02 2.74
CA ILE A 131 13.30 -10.13 1.87
C ILE A 131 12.57 -9.88 0.56
N ASN A 132 11.71 -10.81 0.14
CA ASN A 132 10.92 -10.63 -1.09
C ASN A 132 9.67 -9.77 -0.87
N ARG A 133 9.29 -9.54 0.38
CA ARG A 133 8.12 -8.71 0.62
C ARG A 133 8.33 -7.33 -0.02
N ASN A 134 7.28 -6.78 -0.60
CA ASN A 134 7.38 -5.45 -1.22
C ASN A 134 7.36 -4.33 -0.18
N HIS A 135 8.40 -4.27 0.63
CA HIS A 135 8.47 -3.32 1.75
C HIS A 135 8.36 -1.84 1.37
N PHE A 136 9.02 -1.46 0.26
CA PHE A 136 9.07 -0.06 -0.14
C PHE A 136 8.05 0.22 -1.22
N THR A 137 7.15 1.13 -0.92
CA THR A 137 6.05 1.45 -1.85
C THR A 137 6.54 1.83 -3.24
N SER A 138 7.63 2.57 -3.32
CA SER A 138 8.09 3.01 -4.65
C SER A 138 8.88 1.92 -5.38
N ILE A 139 10.06 1.59 -4.87
CA ILE A 139 10.99 0.76 -5.63
C ILE A 139 10.63 -0.73 -5.63
N ASP A 140 9.80 -1.14 -4.67
CA ASP A 140 9.28 -2.51 -4.67
C ASP A 140 7.85 -2.57 -5.21
N TRP A 141 6.91 -2.00 -4.46
CA TRP A 141 5.49 -2.26 -4.74
C TRP A 141 5.03 -1.64 -6.03
N ASN A 142 5.21 -0.32 -6.18
CA ASN A 142 4.86 0.33 -7.45
C ASN A 142 5.60 -0.34 -8.61
N ASN A 143 6.91 -0.51 -8.47
CA ASN A 143 7.73 -1.04 -9.56
C ASN A 143 7.25 -2.41 -10.04
N TYR A 144 7.16 -3.34 -9.10
CA TYR A 144 6.79 -4.72 -9.43
CA TYR A 144 6.78 -4.71 -9.38
C TYR A 144 5.35 -4.86 -9.89
N ASN A 145 4.43 -4.11 -9.28
CA ASN A 145 3.03 -4.23 -9.66
C ASN A 145 2.71 -3.50 -10.97
N GLN A 146 3.52 -2.52 -11.33
CA GLN A 146 3.43 -1.91 -12.65
C GLN A 146 3.99 -2.86 -13.70
N LYS A 147 5.16 -3.43 -13.40
CA LYS A 147 5.84 -4.34 -14.35
C LYS A 147 4.97 -5.53 -14.72
N ARG A 148 4.20 -6.04 -13.77
CA ARG A 148 3.38 -7.22 -14.04
C ARG A 148 1.97 -6.87 -14.53
N GLY A 149 1.72 -5.58 -14.71
CA GLY A 149 0.50 -5.12 -15.38
C GLY A 149 -0.71 -4.93 -14.51
N LEU A 150 -0.50 -4.86 -13.20
CA LEU A 150 -1.59 -4.57 -12.27
C LEU A 150 -1.91 -3.08 -12.20
N LEU A 151 -0.86 -2.26 -12.10
CA LEU A 151 -1.01 -0.81 -11.91
C LEU A 151 -0.43 -0.03 -13.08
N LYS A 152 -0.99 1.17 -13.27
CA LYS A 152 -0.43 2.16 -14.19
C LYS A 152 -0.39 3.50 -13.48
N ASP A 153 0.76 4.18 -13.53
CA ASP A 153 0.91 5.50 -12.93
C ASP A 153 0.32 6.50 -13.92
N ILE A 154 -0.71 7.22 -13.48
CA ILE A 154 -1.34 8.23 -14.33
C ILE A 154 -1.15 9.67 -13.85
N THR A 155 -0.23 9.86 -12.90
CA THR A 155 0.02 11.17 -12.29
C THR A 155 0.19 12.29 -13.33
N PHE A 156 1.03 12.05 -14.34
CA PHE A 156 1.28 13.08 -15.34
C PHE A 156 0.09 13.40 -16.23
N SER A 157 -0.87 12.47 -16.33
CA SER A 157 -2.05 12.66 -17.16
C SER A 157 -3.07 13.63 -16.52
N ILE A 158 -2.82 14.04 -15.30
CA ILE A 158 -3.69 14.98 -14.62
C ILE A 158 -3.14 16.36 -14.95
N ARG A 159 -3.78 17.04 -15.90
CA ARG A 159 -3.19 18.22 -16.52
C ARG A 159 -3.99 19.50 -16.20
N ASN A 160 -3.35 20.65 -16.31
CA ASN A 160 -4.06 21.91 -16.09
C ASN A 160 -4.98 22.25 -17.28
N GLU A 161 -5.58 23.43 -17.23
CA GLU A 161 -6.52 23.84 -18.28
C GLU A 161 -5.88 24.12 -19.63
N LYS A 162 -4.55 24.21 -19.67
CA LYS A 162 -3.82 24.32 -20.94
C LYS A 162 -3.34 22.97 -21.46
N LYS A 163 -3.81 21.89 -20.81
CA LYS A 163 -3.52 20.51 -21.23
C LYS A 163 -2.05 20.20 -21.09
N GLN A 164 -1.45 20.75 -20.06
CA GLN A 164 -0.06 20.44 -19.75
C GLN A 164 -0.01 19.82 -18.35
N PRO A 165 0.79 18.76 -18.20
CA PRO A 165 0.96 18.19 -16.86
C PRO A 165 1.51 19.22 -15.87
N VAL A 166 1.24 19.00 -14.60
CA VAL A 166 1.76 19.84 -13.53
C VAL A 166 2.67 19.04 -12.60
N ALA A 167 2.86 17.75 -12.92
CA ALA A 167 3.62 16.85 -12.04
C ALA A 167 5.12 17.12 -12.01
N LEU A 168 5.73 16.73 -10.89
CA LEU A 168 7.17 16.83 -10.65
C LEU A 168 7.67 15.43 -10.28
N TYR A 169 8.99 15.28 -10.11
CA TYR A 169 9.56 13.99 -9.71
C TYR A 169 10.14 14.05 -8.30
N ALA A 170 9.74 13.08 -7.49
CA ALA A 170 10.37 12.87 -6.17
C ALA A 170 11.37 11.73 -6.29
N ASN A 171 12.53 11.88 -5.66
CA ASN A 171 13.53 10.83 -5.63
C ASN A 171 13.95 10.56 -4.19
N ALA A 172 14.13 9.29 -3.86
CA ALA A 172 14.78 8.94 -2.61
C ALA A 172 15.76 7.85 -2.94
N LEU A 173 16.93 7.90 -2.32
CA LEU A 173 17.90 6.83 -2.52
C LEU A 173 17.64 5.76 -1.45
N ILE A 174 17.03 4.67 -1.89
CA ILE A 174 16.58 3.60 -1.00
C ILE A 174 17.72 2.61 -0.86
N ASN A 175 18.35 2.61 0.30
CA ASN A 175 19.53 1.80 0.55
C ASN A 175 19.09 0.61 1.39
N LYS A 176 18.78 -0.51 0.74
CA LYS A 176 18.27 -1.68 1.49
C LYS A 176 19.26 -2.21 2.54
N PRO A 177 20.56 -2.37 2.16
CA PRO A 177 21.47 -2.86 3.21
C PRO A 177 21.54 -1.97 4.45
N GLN A 178 21.49 -0.65 4.29
CA GLN A 178 21.50 0.22 5.47
C GLN A 178 20.17 0.15 6.25
N TRP A 179 19.06 -0.02 5.52
CA TRP A 179 17.78 -0.19 6.18
C TRP A 179 17.81 -1.47 7.03
N TYR A 180 18.35 -2.56 6.46
CA TYR A 180 18.46 -3.80 7.24
C TYR A 180 19.34 -3.60 8.44
N ASN A 181 20.45 -2.90 8.27
CA ASN A 181 21.43 -2.71 9.34
C ASN A 181 20.83 -2.00 10.54
N HIS A 182 19.89 -1.09 10.27
CA HIS A 182 19.19 -0.33 11.32
C HIS A 182 18.11 -1.09 12.10
N LYS A 183 17.77 -2.30 11.65
CA LYS A 183 16.68 -3.03 12.31
C LYS A 183 17.01 -3.50 13.71
N THR A 184 15.96 -3.61 14.52
CA THR A 184 16.08 -4.14 15.88
C THR A 184 15.31 -5.45 15.98
N ILE A 185 15.32 -6.05 17.16
CA ILE A 185 14.57 -7.31 17.36
C ILE A 185 13.07 -7.17 17.12
N ASP A 186 12.56 -5.93 17.11
CA ASP A 186 11.12 -5.67 16.84
C ASP A 186 10.70 -6.14 15.45
N THR A 187 11.66 -6.26 14.56
CA THR A 187 11.38 -6.83 13.23
C THR A 187 11.00 -8.30 13.30
N ILE A 188 11.56 -9.01 14.29
CA ILE A 188 11.36 -10.44 14.39
C ILE A 188 10.16 -10.71 15.29
N ARG A 189 9.07 -11.14 14.67
CA ARG A 189 7.80 -11.32 15.37
C ARG A 189 7.45 -12.80 15.45
N LEU A 190 7.70 -13.39 16.62
CA LEU A 190 7.51 -14.83 16.80
C LEU A 190 6.32 -15.05 17.71
N GLN A 191 5.53 -16.10 17.45
CA GLN A 191 4.30 -16.29 18.21
C GLN A 191 4.59 -16.73 19.64
N LYS A 192 5.61 -17.58 19.77
CA LYS A 192 6.14 -18.01 21.06
C LYS A 192 7.33 -17.11 21.37
N GLN A 193 7.22 -16.32 22.44
CA GLN A 193 8.26 -15.34 22.79
C GLN A 193 9.58 -16.01 23.15
N ASP A 194 10.67 -15.55 22.53
CA ASP A 194 12.01 -16.07 22.76
C ASP A 194 13.04 -15.03 22.30
N LYS A 195 13.43 -14.15 23.21
CA LYS A 195 14.30 -13.01 22.91
C LYS A 195 15.66 -13.38 22.31
N ASN A 196 16.20 -14.51 22.74
CA ASN A 196 17.46 -15.03 22.23
CA ASN A 196 17.47 -14.96 22.21
C ASN A 196 17.28 -15.54 20.80
N GLU A 197 16.16 -16.18 20.54
CA GLU A 197 15.85 -16.64 19.19
C GLU A 197 15.65 -15.42 18.27
N GLN A 198 15.06 -14.35 18.80
CA GLN A 198 14.93 -13.08 18.04
C GLN A 198 16.28 -12.54 17.61
N GLU A 199 17.23 -12.50 18.55
CA GLU A 199 18.57 -12.00 18.25
C GLU A 199 19.25 -12.81 17.16
N LYS A 200 19.19 -14.14 17.28
CA LYS A 200 19.78 -15.07 16.30
C LYS A 200 19.22 -14.83 14.90
N ARG A 201 17.90 -14.78 14.81
CA ARG A 201 17.24 -14.64 13.52
C ARG A 201 17.50 -13.25 12.95
N LEU A 202 17.58 -12.23 13.79
CA LEU A 202 17.91 -10.89 13.30
C LEU A 202 19.28 -10.84 12.61
N VAL A 203 20.32 -11.43 13.23
CA VAL A 203 21.65 -11.48 12.59
C VAL A 203 21.58 -12.19 11.26
N GLU A 204 20.81 -13.27 11.22
CA GLU A 204 20.65 -14.05 9.99
C GLU A 204 19.98 -13.22 8.89
N LEU A 205 18.92 -12.53 9.27
CA LEU A 205 18.20 -11.66 8.35
C LEU A 205 19.09 -10.51 7.87
N LYS A 206 19.85 -9.90 8.78
CA LYS A 206 20.72 -8.80 8.37
C LYS A 206 21.83 -9.24 7.43
N ALA A 207 22.29 -10.47 7.61
CA ALA A 207 23.33 -11.03 6.74
C ALA A 207 22.80 -11.11 5.32
N LYS A 208 21.53 -11.48 5.15
CA LYS A 208 20.93 -11.48 3.84
C LYS A 208 20.70 -10.06 3.33
N GLY A 209 20.16 -9.21 4.18
CA GLY A 209 19.96 -7.78 3.85
C GLY A 209 21.20 -7.07 3.33
N LYS A 210 22.38 -7.41 3.85
CA LYS A 210 23.64 -6.79 3.40
C LYS A 210 23.93 -7.00 1.91
N THR A 211 23.35 -8.04 1.32
CA THR A 211 23.61 -8.37 -0.10
C THR A 211 22.64 -7.68 -1.08
N LEU A 212 21.69 -6.91 -0.55
CA LEU A 212 20.61 -6.39 -1.36
C LEU A 212 20.98 -5.08 -2.05
N GLU A 213 20.06 -4.62 -2.90
CA GLU A 213 20.40 -3.52 -3.81
CA GLU A 213 20.30 -3.54 -3.85
C GLU A 213 20.03 -2.14 -3.27
N THR A 214 20.57 -1.12 -3.93
CA THR A 214 20.28 0.28 -3.61
C THR A 214 19.60 0.84 -4.86
N SER A 215 18.48 1.55 -4.68
CA SER A 215 17.70 2.02 -5.83
C SER A 215 17.27 3.44 -5.61
N LEU A 216 17.46 4.27 -6.63
CA LEU A 216 16.99 5.65 -6.56
C LEU A 216 15.57 5.68 -7.12
N SER A 217 14.61 6.11 -6.33
CA SER A 217 13.24 6.11 -6.83
C SER A 217 13.03 7.25 -7.82
N ASN A 218 11.94 7.15 -8.59
CA ASN A 218 11.55 8.23 -9.50
C ASN A 218 10.01 8.26 -9.50
N VAL A 219 9.48 9.05 -8.58
CA VAL A 219 8.06 8.98 -8.27
C VAL A 219 7.38 10.26 -8.72
N PRO A 220 6.52 10.18 -9.77
CA PRO A 220 5.81 11.39 -10.15
C PRO A 220 4.88 11.84 -9.03
N TYR A 221 4.70 13.16 -8.89
CA TYR A 221 3.69 13.66 -7.95
C TYR A 221 3.13 14.98 -8.41
N ILE A 222 1.84 15.17 -8.11
CA ILE A 222 1.20 16.46 -8.35
C ILE A 222 1.45 17.26 -7.08
N PRO A 223 2.13 18.40 -7.23
CA PRO A 223 2.51 19.22 -6.08
C PRO A 223 1.34 20.02 -5.48
N PHE A 224 1.42 20.31 -4.18
CA PHE A 224 0.41 21.13 -3.52
C PHE A 224 0.38 22.55 -4.08
N THR A 225 1.52 23.00 -4.61
CA THR A 225 1.57 24.32 -5.25
C THR A 225 0.62 24.40 -6.45
N ALA A 226 0.30 23.24 -7.02
CA ALA A 226 -0.66 23.16 -8.13
C ALA A 226 -2.06 22.89 -7.61
N LEU A 227 -2.19 21.92 -6.71
CA LEU A 227 -3.50 21.49 -6.22
C LEU A 227 -4.16 22.57 -5.38
N PHE A 228 -3.35 23.45 -4.81
CA PHE A 228 -3.86 24.57 -4.02
C PHE A 228 -3.31 25.89 -4.51
N SER A 229 -3.13 26.01 -5.83
CA SER A 229 -2.72 27.29 -6.42
C SER A 229 -3.70 28.39 -5.98
N GLU A 230 -3.16 29.59 -5.69
CA GLU A 230 -3.96 30.71 -5.17
C GLU A 230 -4.68 30.37 -3.85
N ASN A 231 -4.15 29.39 -3.11
CA ASN A 231 -4.68 29.00 -1.78
C ASN A 231 -6.14 28.54 -1.84
N LYS A 232 -6.53 27.95 -2.96
CA LYS A 232 -7.85 27.35 -3.09
C LYS A 232 -7.71 26.00 -3.80
N PRO A 233 -8.61 25.04 -3.52
CA PRO A 233 -8.52 23.75 -4.18
C PRO A 233 -8.67 23.89 -5.70
N ASN A 234 -7.78 23.25 -6.45
CA ASN A 234 -7.85 23.30 -7.90
C ASN A 234 -8.82 22.23 -8.37
N LEU A 235 -10.07 22.63 -8.54
CA LEU A 235 -11.10 21.63 -8.84
C LEU A 235 -10.90 20.95 -10.18
N HIS A 236 -10.27 21.64 -11.13
CA HIS A 236 -9.96 21.03 -12.42
C HIS A 236 -9.03 19.84 -12.26
N LEU A 237 -7.98 19.99 -11.45
CA LEU A 237 -7.05 18.88 -11.22
C LEU A 237 -7.72 17.74 -10.42
N PHE A 238 -8.35 18.09 -9.30
CA PHE A 238 -9.01 17.08 -8.47
C PHE A 238 -10.02 16.24 -9.24
N SER A 239 -10.75 16.87 -10.17
CA SER A 239 -11.80 16.16 -10.92
C SER A 239 -11.27 15.06 -11.84
N GLN A 240 -9.96 15.07 -12.11
CA GLN A 240 -9.36 14.08 -13.00
C GLN A 240 -8.87 12.81 -12.29
N ILE A 241 -8.97 12.81 -10.96
CA ILE A 241 -8.58 11.64 -10.19
C ILE A 241 -9.73 10.64 -10.32
N PRO A 242 -9.48 9.44 -10.89
CA PRO A 242 -10.54 8.47 -11.17
C PRO A 242 -11.03 7.76 -9.93
N ASN A 243 -12.32 7.41 -9.90
CA ASN A 243 -12.84 6.54 -8.87
C ASN A 243 -12.05 5.24 -8.81
N GLY A 244 -11.67 4.82 -7.60
CA GLY A 244 -10.96 3.56 -7.39
C GLY A 244 -9.47 3.66 -7.61
N ALA A 245 -8.95 4.87 -7.84
CA ALA A 245 -7.50 5.02 -8.02
C ALA A 245 -6.79 4.81 -6.67
N VAL A 246 -5.50 4.48 -6.74
CA VAL A 246 -4.66 4.40 -5.56
C VAL A 246 -3.92 5.71 -5.43
N ILE A 247 -4.06 6.36 -4.26
CA ILE A 247 -3.39 7.65 -3.98
C ILE A 247 -2.27 7.44 -2.97
N GLU A 248 -1.06 7.83 -3.35
CA GLU A 248 0.11 7.77 -2.46
C GLU A 248 0.56 9.17 -2.03
N ILE A 249 0.92 9.30 -0.76
CA ILE A 249 1.31 10.59 -0.22
C ILE A 249 2.83 10.71 -0.31
N ILE A 250 3.32 11.78 -0.96
CA ILE A 250 4.72 11.86 -1.38
C ILE A 250 5.52 12.89 -0.59
N ARG A 251 6.67 12.47 -0.10
CA ARG A 251 7.60 13.33 0.62
C ARG A 251 8.94 13.27 -0.11
N PRO A 252 9.18 14.22 -1.04
CA PRO A 252 10.34 14.19 -1.94
C PRO A 252 11.69 14.28 -1.23
N ASN A 253 11.75 14.96 -0.10
CA ASN A 253 13.05 15.17 0.52
C ASN A 253 12.96 14.78 1.98
N TRP A 254 12.90 13.46 2.18
CA TRP A 254 12.56 12.88 3.49
C TRP A 254 13.71 12.04 4.00
N ASP A 255 14.54 12.67 4.81
CA ASP A 255 15.82 12.04 5.17
C ASP A 255 15.65 11.28 6.48
N LEU A 256 15.34 10.00 6.36
CA LEU A 256 15.17 9.14 7.53
C LEU A 256 16.38 8.24 7.75
N ARG A 257 17.54 8.68 7.26
CA ARG A 257 18.76 7.86 7.32
C ARG A 257 19.18 7.55 8.75
N GLN A 258 19.13 8.55 9.62
CA GLN A 258 19.54 8.35 10.99
C GLN A 258 18.53 7.47 11.71
N GLN A 259 17.25 7.60 11.34
CA GLN A 259 16.17 6.91 12.05
C GLN A 259 15.90 5.49 11.59
N ILE A 260 15.83 5.27 10.28
CA ILE A 260 15.52 3.92 9.79
C ILE A 260 16.58 3.37 8.85
N GLY A 261 17.59 4.19 8.56
CA GLY A 261 18.74 3.76 7.78
C GLY A 261 18.67 4.11 6.32
N THR A 262 17.59 4.79 5.92
CA THR A 262 17.44 5.16 4.52
C THR A 262 16.58 6.41 4.33
N GLU A 263 16.85 7.14 3.26
CA GLU A 263 15.89 8.13 2.75
C GLU A 263 14.61 7.40 2.36
N LEU A 264 13.50 8.12 2.37
CA LEU A 264 12.24 7.56 1.96
C LEU A 264 11.42 8.57 1.15
N ASP A 265 10.43 8.09 0.41
CA ASP A 265 9.69 8.96 -0.51
C ASP A 265 8.17 8.98 -0.33
N ILE A 266 7.62 7.90 0.24
CA ILE A 266 6.16 7.71 0.33
C ILE A 266 5.77 7.35 1.76
N SER A 267 4.79 8.06 2.33
CA SER A 267 4.52 7.96 3.78
C SER A 267 3.17 7.33 4.09
N HIS A 268 2.29 7.27 3.09
CA HIS A 268 0.93 6.79 3.28
C HIS A 268 0.25 6.54 1.93
N LEU A 269 -0.83 5.74 1.97
CA LEU A 269 -1.61 5.49 0.77
C LEU A 269 -3.01 5.03 1.06
N GLY A 270 -3.86 5.05 0.05
CA GLY A 270 -5.27 4.69 0.20
C GLY A 270 -5.94 4.82 -1.15
N PHE A 271 -7.27 4.80 -1.16
CA PHE A 271 -8.03 4.85 -2.41
C PHE A 271 -8.76 6.18 -2.57
N ALA A 272 -8.88 6.60 -3.82
CA ALA A 272 -9.73 7.73 -4.21
C ALA A 272 -11.12 7.17 -4.45
N ILE A 273 -12.11 7.67 -3.71
CA ILE A 273 -13.49 7.18 -3.89
C ILE A 273 -14.43 8.38 -4.06
N TRP A 274 -15.13 8.44 -5.18
CA TRP A 274 -16.12 9.50 -5.43
C TRP A 274 -17.48 9.08 -4.85
N ILE A 275 -18.06 9.94 -4.01
CA ILE A 275 -19.38 9.65 -3.41
C ILE A 275 -20.17 10.94 -3.44
N ASN A 276 -21.29 10.92 -4.13
CA ASN A 276 -22.16 12.08 -4.22
C ASN A 276 -21.40 13.26 -4.80
N ASN A 277 -20.59 12.99 -5.82
CA ASN A 277 -19.83 14.03 -6.54
C ASN A 277 -18.83 14.79 -5.65
N GLU A 278 -18.37 14.10 -4.59
CA GLU A 278 -17.32 14.59 -3.71
C GLU A 278 -16.22 13.52 -3.61
N LEU A 279 -14.97 13.94 -3.56
CA LEU A 279 -13.87 12.98 -3.59
C LEU A 279 -13.34 12.69 -2.19
N PHE A 280 -13.33 11.40 -1.85
CA PHE A 280 -12.86 10.92 -0.56
C PHE A 280 -11.55 10.12 -0.66
N PHE A 281 -10.80 10.16 0.42
CA PHE A 281 -9.58 9.39 0.59
C PHE A 281 -9.96 8.30 1.58
N ARG A 282 -10.04 7.07 1.08
CA ARG A 282 -10.44 5.94 1.91
C ARG A 282 -9.19 5.18 2.30
N GLN A 283 -8.89 5.12 3.60
CA GLN A 283 -7.63 4.53 4.03
C GLN A 283 -7.66 4.07 5.48
N ALA A 284 -6.70 3.23 5.82
CA ALA A 284 -6.52 2.76 7.18
C ALA A 284 -5.65 3.81 7.85
N SER A 285 -6.24 4.49 8.84
CA SER A 285 -5.67 5.67 9.43
C SER A 285 -5.22 5.44 10.86
N SER A 286 -3.93 5.66 11.12
CA SER A 286 -3.38 5.57 12.48
C SER A 286 -3.92 6.69 13.37
N GLN A 287 -4.26 7.81 12.76
CA GLN A 287 -4.82 8.97 13.47
C GLN A 287 -6.25 8.68 13.97
N TYR A 288 -7.07 8.10 13.10
CA TYR A 288 -8.44 7.74 13.45
C TYR A 288 -8.56 6.37 14.11
N GLY A 289 -7.53 5.54 13.97
CA GLY A 289 -7.49 4.23 14.61
C GLY A 289 -8.31 3.19 13.88
N LYS A 290 -8.67 3.49 12.64
CA LYS A 290 -9.52 2.60 11.85
C LYS A 290 -9.53 3.00 10.37
N VAL A 291 -10.13 2.15 9.54
CA VAL A 291 -10.37 2.48 8.13
C VAL A 291 -11.48 3.53 8.06
N VAL A 292 -11.16 4.67 7.46
CA VAL A 292 -12.11 5.79 7.36
C VAL A 292 -12.16 6.38 5.97
N ASP A 293 -13.25 7.11 5.70
CA ASP A 293 -13.36 8.02 4.56
C ASP A 293 -13.17 9.45 5.05
N VAL A 294 -12.24 10.18 4.43
CA VAL A 294 -12.08 11.62 4.73
C VAL A 294 -12.07 12.40 3.41
N SER A 295 -12.62 13.61 3.40
CA SER A 295 -12.53 14.47 2.21
C SER A 295 -11.09 14.56 1.74
N LEU A 296 -10.80 14.23 0.47
CA LEU A 296 -9.41 14.27 0.00
C LEU A 296 -8.89 15.71 -0.01
N ILE A 297 -9.72 16.64 -0.46
CA ILE A 297 -9.34 18.07 -0.45
C ILE A 297 -8.98 18.54 0.97
N ASP A 298 -9.85 18.27 1.93
CA ASP A 298 -9.59 18.66 3.33
C ASP A 298 -8.33 17.99 3.90
N TYR A 299 -8.18 16.69 3.62
CA TYR A 299 -7.03 15.92 4.09
C TYR A 299 -5.72 16.56 3.59
N LEU A 300 -5.66 16.84 2.30
CA LEU A 300 -4.45 17.39 1.71
C LEU A 300 -4.22 18.83 2.14
N ASP A 301 -5.32 19.58 2.35
CA ASP A 301 -5.18 20.96 2.80
C ASP A 301 -4.48 21.00 4.17
N LYS A 302 -4.87 20.10 5.06
CA LYS A 302 -4.22 19.93 6.36
C LYS A 302 -2.78 19.44 6.22
N ALA A 303 -2.55 18.57 5.23
CA ALA A 303 -1.20 18.02 5.00
C ALA A 303 -0.21 19.06 4.49
N ARG A 304 -0.73 20.11 3.84
CA ARG A 304 0.07 21.23 3.31
C ARG A 304 1.01 21.86 4.33
N SER A 305 0.60 21.89 5.59
CA SER A 305 1.39 22.56 6.63
C SER A 305 2.64 21.75 6.99
N SER A 306 2.69 20.50 6.56
CA SER A 306 3.87 19.65 6.75
C SER A 306 5.11 20.19 6.02
N PRO A 307 6.27 20.23 6.70
CA PRO A 307 7.46 20.63 5.96
C PRO A 307 7.90 19.61 4.90
N THR A 308 7.48 18.35 5.04
CA THR A 308 8.02 17.29 4.15
C THR A 308 7.03 16.75 3.12
N ILE A 309 5.73 16.81 3.42
CA ILE A 309 4.73 16.32 2.45
C ILE A 309 4.54 17.38 1.35
N LYS A 310 4.69 16.99 0.09
CA LYS A 310 4.63 17.97 -1.00
C LYS A 310 3.61 17.66 -2.09
N GLY A 311 3.02 16.47 -2.06
CA GLY A 311 1.97 16.17 -3.04
C GLY A 311 1.54 14.72 -3.11
N ILE A 312 0.91 14.35 -4.23
CA ILE A 312 0.34 13.00 -4.37
C ILE A 312 0.68 12.30 -5.70
N ASN A 313 0.75 10.97 -5.64
CA ASN A 313 0.92 10.14 -6.84
C ASN A 313 -0.37 9.37 -7.05
N ILE A 314 -0.75 9.18 -8.31
CA ILE A 314 -2.02 8.52 -8.64
CA ILE A 314 -2.03 8.54 -8.67
C ILE A 314 -1.77 7.35 -9.59
N GLN A 315 -2.28 6.17 -9.20
CA GLN A 315 -2.20 4.97 -10.01
C GLN A 315 -3.59 4.39 -10.21
N VAL A 316 -3.79 3.71 -11.34
CA VAL A 316 -5.06 3.02 -11.57
C VAL A 316 -4.80 1.55 -11.79
N VAL A 317 -5.82 0.74 -11.56
CA VAL A 317 -5.74 -0.70 -11.72
C VAL A 317 -6.10 -1.01 -13.16
N LEU A 318 -5.30 -1.83 -13.83
CA LEU A 318 -5.49 -2.08 -15.26
C LEU A 318 -6.48 -3.21 -15.60
N PRO A 319 -6.34 -4.37 -14.92
CA PRO A 319 -7.28 -5.46 -15.24
C PRO A 319 -8.73 -5.01 -15.17
N GLU A 320 -9.53 -5.37 -16.18
CA GLU A 320 -10.93 -4.94 -16.25
C GLU A 320 -11.89 -5.89 -15.55
N LYS A 321 -11.53 -7.17 -15.46
CA LYS A 321 -12.39 -8.14 -14.82
C LYS A 321 -11.60 -9.04 -13.88
N PRO A 322 -12.27 -9.58 -12.85
CA PRO A 322 -11.56 -10.44 -11.91
C PRO A 322 -11.25 -11.80 -12.50
N VAL A 323 -10.30 -12.52 -11.87
CA VAL A 323 -9.82 -13.79 -12.43
C VAL A 323 -9.89 -14.95 -11.44
N CYS A 327 -2.99 -15.00 -11.78
CA CYS A 327 -2.95 -13.69 -11.13
C CYS A 327 -1.50 -13.21 -10.92
N GLN A 328 -0.56 -13.83 -11.63
CA GLN A 328 0.85 -13.46 -11.54
C GLN A 328 1.19 -12.30 -12.47
N LEU A 329 0.68 -12.34 -13.70
CA LEU A 329 0.93 -11.29 -14.67
C LEU A 329 -0.35 -11.01 -15.46
N PHE A 330 -0.44 -9.81 -16.04
CA PHE A 330 -1.65 -9.38 -16.73
C PHE A 330 -1.37 -8.86 -18.14
#